data_1M0Z
#
_entry.id   1M0Z
#
_cell.length_a   121.5
_cell.length_b   54.5
_cell.length_c   101.8
_cell.angle_alpha   90.00
_cell.angle_beta   103.7
_cell.angle_gamma   90.00
#
_symmetry.space_group_name_H-M   'C 1 2 1'
#
loop_
_entity.id
_entity.type
_entity.pdbx_description
1 polymer 'Glycoprotein Ib alpha'
2 water water
#
_entity_poly.entity_id   1
_entity_poly.type   'polypeptide(L)'
_entity_poly.pdbx_seq_one_letter_code
;HPICEVSKVASHLEVNCDKRQLTALPPDLPKDTTILHLSENLLYTFSLATLMPYTRLTQLNLDRCELTKLQVDGTLPVLG
TLDLSHNQLQSLPLLGQTLPALTVLDVSFNRLTSLPLGALRGLGELQELYLKGNELKTLPPGLLTPTPKLEKLSLANNQL
TELPAGLLNGLENLDTLLLQENSLYTIPKGFFGSHLLPFAFLHGNPWLCNCEILYFRRWLQDNAENVYVWKQGVDVKAMT
SNVASVQCDNSDKFPVYKYPGKGCPTLGDEGDTDLYDYYPEEDTEGDKVR
;
_entity_poly.pdbx_strand_id   A,B
#
# COMPACT_ATOMS: atom_id res chain seq x y z
N HIS A 1 -11.85 18.11 -25.35
CA HIS A 1 -12.72 18.51 -24.21
C HIS A 1 -13.20 19.94 -24.45
N PRO A 2 -14.41 20.27 -23.98
CA PRO A 2 -14.96 21.61 -24.17
C PRO A 2 -14.16 22.74 -23.53
N ILE A 3 -13.42 22.44 -22.46
CA ILE A 3 -12.65 23.46 -21.77
C ILE A 3 -11.13 23.29 -21.88
N CYS A 4 -10.66 22.06 -21.76
CA CYS A 4 -9.23 21.80 -21.82
C CYS A 4 -8.84 21.07 -23.10
N GLU A 5 -7.61 21.30 -23.55
CA GLU A 5 -7.12 20.67 -24.75
C GLU A 5 -6.49 19.33 -24.37
N VAL A 6 -6.86 18.27 -25.09
CA VAL A 6 -6.36 16.94 -24.80
C VAL A 6 -5.41 16.40 -25.87
N SER A 7 -4.39 15.68 -25.42
CA SER A 7 -3.39 15.10 -26.31
C SER A 7 -3.13 13.64 -25.93
N LYS A 8 -3.16 12.76 -26.93
CA LYS A 8 -2.92 11.34 -26.69
C LYS A 8 -1.79 10.83 -27.58
N HIS A 12 -0.91 6.91 -22.59
CA HIS A 12 -0.55 8.27 -22.19
C HIS A 12 -1.55 9.30 -22.70
N LEU A 13 -2.16 10.04 -21.78
CA LEU A 13 -3.15 11.05 -22.13
C LEU A 13 -2.89 12.33 -21.33
N GLU A 14 -2.40 13.35 -22.02
CA GLU A 14 -2.08 14.63 -21.39
C GLU A 14 -3.20 15.66 -21.57
N VAL A 15 -3.64 16.24 -20.45
CA VAL A 15 -4.71 17.23 -20.48
C VAL A 15 -4.26 18.62 -20.02
N ASN A 16 -4.39 19.60 -20.91
CA ASN A 16 -4.01 20.97 -20.59
C ASN A 16 -5.18 21.85 -20.21
N CYS A 17 -5.32 22.13 -18.91
CA CYS A 17 -6.39 22.99 -18.42
C CYS A 17 -5.79 24.28 -17.88
N ASP A 18 -4.55 24.55 -18.26
CA ASP A 18 -3.84 25.75 -17.77
C ASP A 18 -4.22 27.10 -18.39
N LYS A 19 -3.87 28.16 -17.68
CA LYS A 19 -4.11 29.54 -18.10
C LYS A 19 -5.52 29.71 -18.65
N ARG A 20 -6.51 29.17 -17.95
CA ARG A 20 -7.88 29.24 -18.42
C ARG A 20 -8.88 29.95 -17.51
N GLN A 21 -8.40 30.76 -16.58
CA GLN A 21 -9.30 31.48 -15.68
C GLN A 21 -10.17 30.53 -14.87
N LEU A 22 -9.79 29.26 -14.78
CA LEU A 22 -10.59 28.28 -14.05
C LEU A 22 -10.72 28.59 -12.55
N THR A 23 -11.95 28.49 -12.03
CA THR A 23 -12.18 28.73 -10.61
C THR A 23 -12.33 27.40 -9.86
N ALA A 24 -12.37 26.32 -10.62
CA ALA A 24 -12.51 24.97 -10.04
C ALA A 24 -12.21 23.92 -11.10
N LEU A 25 -12.08 22.67 -10.66
CA LEU A 25 -11.81 21.56 -11.56
C LEU A 25 -12.93 21.40 -12.59
N PRO A 26 -12.57 21.39 -13.90
CA PRO A 26 -13.60 21.24 -14.92
C PRO A 26 -14.22 19.84 -14.88
N PRO A 27 -15.56 19.76 -14.91
CA PRO A 27 -16.26 18.47 -14.87
C PRO A 27 -16.00 17.60 -16.10
N ASP A 28 -16.21 16.31 -15.92
CA ASP A 28 -16.08 15.33 -16.99
C ASP A 28 -14.84 15.39 -17.87
N LEU A 29 -13.66 15.23 -17.27
CA LEU A 29 -12.42 15.22 -18.02
C LEU A 29 -12.22 13.79 -18.50
N PRO A 30 -11.33 13.57 -19.48
CA PRO A 30 -11.09 12.21 -20.00
C PRO A 30 -10.81 11.23 -18.86
N LYS A 31 -11.54 10.13 -18.85
CA LYS A 31 -11.38 9.11 -17.81
C LYS A 31 -9.95 8.58 -17.70
N ASP A 32 -9.24 8.53 -18.82
CA ASP A 32 -7.87 8.01 -18.81
C ASP A 32 -6.78 9.06 -18.73
N THR A 33 -7.12 10.25 -18.23
CA THR A 33 -6.14 11.31 -18.08
C THR A 33 -4.92 10.79 -17.31
N THR A 34 -3.73 11.07 -17.81
CA THR A 34 -2.49 10.64 -17.19
C THR A 34 -1.73 11.82 -16.59
N ILE A 35 -1.75 12.94 -17.31
CA ILE A 35 -1.08 14.15 -16.87
C ILE A 35 -2.10 15.28 -16.90
N LEU A 36 -2.30 15.94 -15.77
CA LEU A 36 -3.27 17.03 -15.68
C LEU A 36 -2.62 18.36 -15.35
N HIS A 37 -2.68 19.30 -16.30
CA HIS A 37 -2.13 20.63 -16.13
C HIS A 37 -3.23 21.59 -15.69
N LEU A 38 -3.19 22.02 -14.43
CA LEU A 38 -4.18 22.96 -13.93
C LEU A 38 -3.47 24.27 -13.61
N SER A 39 -2.20 24.32 -13.99
CA SER A 39 -1.36 25.48 -13.77
C SER A 39 -1.98 26.81 -14.21
N GLU A 40 -1.61 27.87 -13.50
CA GLU A 40 -2.07 29.22 -13.80
C GLU A 40 -3.58 29.41 -13.90
N ASN A 41 -4.26 29.22 -12.78
CA ASN A 41 -5.71 29.39 -12.72
C ASN A 41 -6.05 30.08 -11.39
N LEU A 42 -7.33 30.19 -11.07
CA LEU A 42 -7.75 30.86 -9.85
C LEU A 42 -8.57 29.94 -8.95
N LEU A 43 -7.91 28.91 -8.41
CA LEU A 43 -8.58 27.93 -7.58
C LEU A 43 -8.86 28.32 -6.12
N TYR A 44 -7.88 28.92 -5.45
CA TYR A 44 -7.99 29.35 -4.04
C TYR A 44 -7.98 28.16 -3.08
N THR A 45 -8.81 27.16 -3.37
CA THR A 45 -8.85 25.95 -2.54
C THR A 45 -9.03 24.78 -3.50
N PHE A 46 -8.46 23.63 -3.15
CA PHE A 46 -8.59 22.45 -3.99
C PHE A 46 -8.60 21.21 -3.10
N SER A 47 -9.33 20.18 -3.53
CA SER A 47 -9.43 18.93 -2.79
C SER A 47 -8.99 17.78 -3.70
N LEU A 48 -7.94 17.06 -3.31
CA LEU A 48 -7.44 15.97 -4.13
C LEU A 48 -8.47 14.86 -4.38
N ALA A 49 -9.42 14.72 -3.46
CA ALA A 49 -10.46 13.71 -3.60
C ALA A 49 -11.29 13.87 -4.87
N THR A 50 -11.41 15.10 -5.35
CA THR A 50 -12.20 15.36 -6.55
C THR A 50 -11.59 14.71 -7.81
N LEU A 51 -10.35 14.23 -7.68
CA LEU A 51 -9.66 13.61 -8.80
C LEU A 51 -9.68 12.08 -8.80
N MET A 52 -10.28 11.49 -7.76
CA MET A 52 -10.34 10.03 -7.68
C MET A 52 -10.86 9.32 -8.92
N PRO A 53 -11.79 9.94 -9.66
CA PRO A 53 -12.32 9.28 -10.87
C PRO A 53 -11.23 8.98 -11.91
N TYR A 54 -10.14 9.72 -11.85
CA TYR A 54 -9.05 9.54 -12.81
C TYR A 54 -7.98 8.59 -12.26
N THR A 55 -8.31 7.30 -12.32
CA THR A 55 -7.46 6.23 -11.81
C THR A 55 -6.10 6.04 -12.48
N ARG A 56 -5.83 6.76 -13.55
CA ARG A 56 -4.54 6.62 -14.24
C ARG A 56 -3.67 7.87 -14.09
N LEU A 57 -4.13 8.80 -13.27
CA LEU A 57 -3.41 10.05 -13.04
C LEU A 57 -2.07 9.80 -12.38
N THR A 58 -1.00 10.22 -13.04
CA THR A 58 0.34 10.02 -12.51
C THR A 58 1.09 11.34 -12.26
N GLN A 59 0.62 12.41 -12.91
CA GLN A 59 1.23 13.72 -12.75
C GLN A 59 0.14 14.79 -12.64
N LEU A 60 0.22 15.58 -11.58
CA LEU A 60 -0.76 16.63 -11.32
C LEU A 60 -0.06 17.97 -11.03
N ASN A 61 -0.30 18.95 -11.88
CA ASN A 61 0.31 20.27 -11.70
C ASN A 61 -0.70 21.33 -11.28
N LEU A 62 -0.58 21.77 -10.04
CA LEU A 62 -1.45 22.79 -9.46
C LEU A 62 -0.67 24.05 -9.14
N ASP A 63 0.42 24.28 -9.87
CA ASP A 63 1.24 25.45 -9.64
C ASP A 63 0.56 26.73 -10.10
N ARG A 64 0.91 27.84 -9.47
CA ARG A 64 0.35 29.14 -9.83
C ARG A 64 -1.18 29.12 -9.90
N CYS A 65 -1.82 28.62 -8.85
CA CYS A 65 -3.28 28.55 -8.82
C CYS A 65 -3.89 29.35 -7.67
N GLU A 66 -3.10 30.22 -7.06
CA GLU A 66 -3.58 31.05 -5.95
C GLU A 66 -4.12 30.22 -4.80
N LEU A 67 -3.59 29.01 -4.62
CA LEU A 67 -4.05 28.14 -3.55
C LEU A 67 -3.65 28.63 -2.16
N THR A 68 -4.62 28.62 -1.24
CA THR A 68 -4.36 29.03 0.13
C THR A 68 -4.66 27.85 1.04
N LYS A 69 -5.36 26.86 0.50
CA LYS A 69 -5.74 25.65 1.23
C LYS A 69 -5.79 24.43 0.31
N LEU A 70 -5.29 23.30 0.80
CA LEU A 70 -5.31 22.05 0.04
C LEU A 70 -5.91 20.96 0.90
N GLN A 71 -7.09 20.49 0.52
CA GLN A 71 -7.77 19.41 1.25
C GLN A 71 -7.26 18.09 0.70
N VAL A 72 -6.93 17.16 1.60
CA VAL A 72 -6.43 15.87 1.16
C VAL A 72 -7.25 14.73 1.79
N ASP A 73 -7.92 13.98 0.93
CA ASP A 73 -8.74 12.84 1.33
C ASP A 73 -8.80 11.91 0.13
N GLY A 74 -9.29 10.70 0.34
CA GLY A 74 -9.40 9.76 -0.75
C GLY A 74 -8.07 9.13 -1.17
N THR A 75 -8.01 8.63 -2.39
CA THR A 75 -6.82 7.97 -2.90
C THR A 75 -6.52 8.20 -4.38
N LEU A 76 -5.26 8.51 -4.68
CA LEU A 76 -4.78 8.68 -6.04
C LEU A 76 -3.56 7.76 -5.98
N PRO A 77 -3.81 6.44 -6.02
CA PRO A 77 -2.86 5.34 -5.97
C PRO A 77 -1.62 5.31 -6.86
N VAL A 78 -1.68 5.95 -8.03
CA VAL A 78 -0.52 5.95 -8.91
C VAL A 78 0.06 7.32 -9.20
N LEU A 79 -0.33 8.32 -8.42
CA LEU A 79 0.21 9.66 -8.65
C LEU A 79 1.69 9.66 -8.26
N GLY A 80 2.57 9.99 -9.20
CA GLY A 80 3.98 10.02 -8.89
C GLY A 80 4.55 11.41 -8.69
N THR A 81 3.96 12.40 -9.36
CA THR A 81 4.44 13.78 -9.23
C THR A 81 3.33 14.78 -8.89
N LEU A 82 3.57 15.60 -7.87
CA LEU A 82 2.63 16.62 -7.45
C LEU A 82 3.34 17.97 -7.37
N ASP A 83 2.91 18.93 -8.20
CA ASP A 83 3.52 20.25 -8.21
C ASP A 83 2.54 21.27 -7.65
N LEU A 84 2.88 21.82 -6.49
CA LEU A 84 2.05 22.81 -5.80
C LEU A 84 2.84 24.12 -5.68
N SER A 85 3.89 24.27 -6.48
CA SER A 85 4.72 25.47 -6.39
C SER A 85 4.04 26.76 -6.80
N HIS A 86 4.55 27.87 -6.27
CA HIS A 86 4.03 29.19 -6.57
C HIS A 86 2.56 29.36 -6.21
N ASN A 87 2.27 29.15 -4.95
CA ASN A 87 0.91 29.31 -4.41
C ASN A 87 1.10 29.98 -3.07
N GLN A 88 0.07 30.02 -2.24
CA GLN A 88 0.21 30.65 -0.94
C GLN A 88 -0.26 29.77 0.21
N LEU A 89 0.14 28.51 0.17
CA LEU A 89 -0.20 27.57 1.22
C LEU A 89 0.62 27.94 2.45
N GLN A 90 0.00 27.90 3.62
CA GLN A 90 0.71 28.24 4.86
C GLN A 90 1.11 26.97 5.60
N SER A 91 0.40 25.88 5.32
CA SER A 91 0.67 24.61 5.96
C SER A 91 0.64 23.48 4.94
N LEU A 92 1.37 22.41 5.25
CA LEU A 92 1.43 21.25 4.38
C LEU A 92 0.54 20.16 4.98
N PRO A 93 -0.50 19.75 4.26
CA PRO A 93 -1.37 18.69 4.82
C PRO A 93 -0.69 17.33 4.73
N LEU A 94 -1.19 16.35 5.49
CA LEU A 94 -0.62 14.99 5.46
C LEU A 94 -1.08 14.34 4.16
N LEU A 95 -0.12 13.94 3.33
CA LEU A 95 -0.39 13.34 2.02
C LEU A 95 -0.25 11.82 1.91
N GLY A 96 0.54 11.23 2.80
CA GLY A 96 0.80 9.80 2.76
C GLY A 96 -0.30 8.80 2.49
N GLN A 97 -1.38 8.89 3.25
CA GLN A 97 -2.49 7.96 3.11
C GLN A 97 -3.21 8.07 1.77
N THR A 98 -3.00 9.19 1.10
CA THR A 98 -3.65 9.43 -0.18
C THR A 98 -2.74 9.26 -1.41
N LEU A 99 -1.44 9.50 -1.24
CA LEU A 99 -0.50 9.41 -2.36
C LEU A 99 0.68 8.46 -2.11
N PRO A 100 0.39 7.17 -1.89
CA PRO A 100 1.45 6.18 -1.64
C PRO A 100 2.57 6.06 -2.67
N ALA A 101 2.27 6.34 -3.94
CA ALA A 101 3.28 6.20 -4.99
C ALA A 101 4.08 7.47 -5.31
N LEU A 102 3.78 8.57 -4.62
CA LEU A 102 4.47 9.83 -4.89
C LEU A 102 6.00 9.73 -4.81
N THR A 103 6.67 10.24 -5.85
CA THR A 103 8.12 10.23 -5.89
C THR A 103 8.67 11.66 -5.94
N VAL A 104 7.86 12.59 -6.42
CA VAL A 104 8.27 13.99 -6.51
C VAL A 104 7.22 14.94 -5.95
N LEU A 105 7.60 15.72 -4.95
CA LEU A 105 6.70 16.68 -4.33
C LEU A 105 7.37 18.06 -4.34
N ASP A 106 6.73 19.00 -5.03
CA ASP A 106 7.28 20.35 -5.11
C ASP A 106 6.29 21.35 -4.52
N VAL A 107 6.68 21.99 -3.42
CA VAL A 107 5.83 22.98 -2.76
C VAL A 107 6.66 24.25 -2.62
N SER A 108 7.56 24.46 -3.58
CA SER A 108 8.43 25.62 -3.59
C SER A 108 7.63 26.90 -3.80
N PHE A 109 8.18 28.01 -3.31
CA PHE A 109 7.55 29.32 -3.44
C PHE A 109 6.11 29.40 -2.99
N ASN A 110 5.89 29.01 -1.74
CA ASN A 110 4.59 29.09 -1.11
C ASN A 110 4.88 29.93 0.12
N ARG A 111 4.08 29.82 1.17
CA ARG A 111 4.33 30.59 2.36
C ARG A 111 4.25 29.72 3.59
N LEU A 112 4.82 28.52 3.48
CA LEU A 112 4.81 27.57 4.58
C LEU A 112 5.63 28.12 5.73
N THR A 113 5.03 28.19 6.91
CA THR A 113 5.72 28.70 8.07
C THR A 113 6.21 27.57 8.97
N SER A 114 5.83 26.35 8.62
CA SER A 114 6.26 25.16 9.36
C SER A 114 5.78 23.91 8.64
N LEU A 115 6.35 22.77 9.04
CA LEU A 115 5.97 21.47 8.50
C LEU A 115 5.44 20.72 9.72
N PRO A 116 4.35 19.97 9.58
CA PRO A 116 3.78 19.23 10.72
C PRO A 116 4.58 18.01 11.17
N LEU A 117 4.40 17.64 12.44
CA LEU A 117 5.05 16.45 12.97
C LEU A 117 4.48 15.31 12.14
N GLY A 118 5.31 14.33 11.80
CA GLY A 118 4.84 13.19 11.01
C GLY A 118 4.34 13.56 9.63
N ALA A 119 4.82 14.70 9.12
CA ALA A 119 4.38 15.20 7.80
C ALA A 119 4.45 14.23 6.63
N LEU A 120 5.57 13.53 6.49
CA LEU A 120 5.76 12.64 5.35
C LEU A 120 5.48 11.15 5.55
N ARG A 121 4.76 10.80 6.61
CA ARG A 121 4.44 9.41 6.87
C ARG A 121 3.73 8.81 5.65
N GLY A 122 4.17 7.63 5.23
CA GLY A 122 3.53 6.97 4.10
C GLY A 122 4.08 7.31 2.73
N LEU A 123 4.95 8.31 2.64
CA LEU A 123 5.53 8.68 1.35
C LEU A 123 6.85 7.91 1.18
N GLY A 124 6.74 6.59 1.25
CA GLY A 124 7.92 5.73 1.15
C GLY A 124 8.69 5.75 -0.15
N GLU A 125 8.04 6.16 -1.24
CA GLU A 125 8.70 6.20 -2.53
C GLU A 125 9.27 7.57 -2.87
N LEU A 126 9.10 8.54 -1.99
CA LEU A 126 9.56 9.90 -2.28
C LEU A 126 11.06 9.97 -2.60
N GLN A 127 11.38 10.58 -3.74
CA GLN A 127 12.78 10.72 -4.17
C GLN A 127 13.23 12.17 -4.24
N GLU A 128 12.29 13.08 -4.45
CA GLU A 128 12.61 14.50 -4.55
C GLU A 128 11.61 15.36 -3.77
N LEU A 129 12.13 16.23 -2.93
CA LEU A 129 11.30 17.12 -2.13
C LEU A 129 11.80 18.56 -2.27
N TYR A 130 10.99 19.42 -2.89
CA TYR A 130 11.37 20.81 -3.08
C TYR A 130 10.54 21.73 -2.20
N LEU A 131 11.22 22.46 -1.31
CA LEU A 131 10.56 23.37 -0.39
C LEU A 131 11.24 24.74 -0.44
N LYS A 132 11.91 25.03 -1.55
CA LYS A 132 12.60 26.30 -1.72
C LYS A 132 11.63 27.48 -1.70
N GLY A 133 12.11 28.61 -1.19
CA GLY A 133 11.30 29.81 -1.18
C GLY A 133 10.06 29.82 -0.30
N ASN A 134 10.17 29.28 0.90
CA ASN A 134 9.06 29.30 1.82
C ASN A 134 9.45 30.13 3.03
N GLU A 135 8.78 29.92 4.15
CA GLU A 135 9.08 30.69 5.36
C GLU A 135 9.38 29.79 6.56
N LEU A 136 10.13 28.72 6.31
CA LEU A 136 10.49 27.79 7.36
C LEU A 136 11.64 28.32 8.22
N LYS A 137 11.51 28.17 9.55
CA LYS A 137 12.51 28.62 10.52
C LYS A 137 13.26 27.43 11.12
N THR A 138 12.52 26.38 11.45
CA THR A 138 13.09 25.15 11.98
C THR A 138 12.29 23.97 11.40
N LEU A 139 12.85 22.77 11.49
CA LEU A 139 12.18 21.59 10.95
C LEU A 139 11.86 20.59 12.06
N PRO A 140 10.74 19.87 11.91
CA PRO A 140 10.38 18.89 12.94
C PRO A 140 11.35 17.71 12.96
N PRO A 141 11.59 17.14 14.15
CA PRO A 141 12.51 16.00 14.22
C PRO A 141 11.91 14.81 13.46
N GLY A 142 12.78 13.99 12.88
CA GLY A 142 12.31 12.83 12.14
C GLY A 142 11.56 13.14 10.86
N LEU A 143 11.74 14.34 10.34
CA LEU A 143 11.06 14.75 9.11
C LEU A 143 11.24 13.74 7.97
N LEU A 144 12.48 13.32 7.75
CA LEU A 144 12.79 12.40 6.65
C LEU A 144 12.87 10.91 7.01
N THR A 145 12.44 10.55 8.21
CA THR A 145 12.48 9.15 8.62
C THR A 145 11.60 8.29 7.70
N PRO A 146 10.43 8.82 7.29
CA PRO A 146 9.54 8.06 6.41
C PRO A 146 9.98 8.00 4.95
N THR A 147 10.99 8.79 4.58
CA THR A 147 11.43 8.85 3.18
C THR A 147 12.90 8.48 2.96
N PRO A 148 13.29 7.22 3.21
CA PRO A 148 14.67 6.78 3.04
C PRO A 148 15.23 6.79 1.61
N LYS A 149 14.36 6.81 0.61
CA LYS A 149 14.82 6.81 -0.78
C LYS A 149 15.05 8.21 -1.36
N LEU A 150 14.95 9.25 -0.52
CA LEU A 150 15.12 10.62 -1.00
C LEU A 150 16.49 10.85 -1.64
N GLU A 151 16.50 11.46 -2.83
CA GLU A 151 17.73 11.73 -3.55
C GLU A 151 18.04 13.22 -3.64
N LYS A 152 16.99 14.04 -3.65
CA LYS A 152 17.16 15.48 -3.73
C LYS A 152 16.29 16.20 -2.71
N LEU A 153 16.91 17.11 -1.96
CA LEU A 153 16.20 17.87 -0.95
C LEU A 153 16.53 19.35 -1.09
N SER A 154 15.52 20.18 -1.29
CA SER A 154 15.76 21.61 -1.42
C SER A 154 15.04 22.39 -0.33
N LEU A 155 15.83 23.09 0.49
CA LEU A 155 15.31 23.90 1.57
C LEU A 155 15.88 25.31 1.39
N ALA A 156 16.34 25.60 0.19
CA ALA A 156 16.93 26.90 -0.10
C ALA A 156 15.95 28.06 0.06
N ASN A 157 16.51 29.23 0.32
CA ASN A 157 15.73 30.44 0.45
C ASN A 157 14.53 30.43 1.42
N ASN A 158 14.78 29.95 2.62
CA ASN A 158 13.78 29.95 3.69
C ASN A 158 14.49 30.81 4.73
N GLN A 159 14.13 30.66 6.01
CA GLN A 159 14.82 31.43 7.05
C GLN A 159 15.23 30.46 8.16
N LEU A 160 15.74 29.30 7.74
CA LEU A 160 16.17 28.28 8.68
C LEU A 160 17.28 28.81 9.58
N THR A 161 17.13 28.61 10.88
CA THR A 161 18.13 29.04 11.85
C THR A 161 18.90 27.88 12.44
N GLU A 162 18.33 26.69 12.35
CA GLU A 162 18.97 25.46 12.84
C GLU A 162 18.49 24.26 12.04
N LEU A 163 19.32 23.22 11.96
CA LEU A 163 18.97 22.00 11.26
C LEU A 163 19.01 20.86 12.26
N PRO A 164 18.03 19.94 12.19
CA PRO A 164 18.01 18.81 13.14
C PRO A 164 19.29 17.99 12.95
N ALA A 165 19.93 17.62 14.06
CA ALA A 165 21.16 16.85 13.98
C ALA A 165 21.01 15.58 13.15
N GLY A 166 19.86 14.91 13.28
CA GLY A 166 19.64 13.68 12.54
C GLY A 166 18.82 13.77 11.27
N LEU A 167 18.65 14.98 10.75
CA LEU A 167 17.88 15.21 9.54
C LEU A 167 18.17 14.27 8.37
N LEU A 168 19.45 13.98 8.13
CA LEU A 168 19.82 13.12 7.01
C LEU A 168 19.99 11.63 7.34
N ASN A 169 19.64 11.23 8.55
CA ASN A 169 19.77 9.83 8.93
C ASN A 169 18.98 8.90 8.01
N GLY A 170 19.62 7.81 7.58
CA GLY A 170 18.93 6.85 6.73
C GLY A 170 18.91 7.16 5.25
N LEU A 171 19.29 8.37 4.87
CA LEU A 171 19.28 8.75 3.46
C LEU A 171 20.52 8.23 2.75
N GLU A 172 20.47 6.97 2.33
CA GLU A 172 21.60 6.33 1.65
C GLU A 172 21.77 6.78 0.21
N ASN A 173 20.73 7.37 -0.36
CA ASN A 173 20.81 7.80 -1.76
C ASN A 173 20.79 9.31 -1.96
N LEU A 174 20.97 10.07 -0.88
CA LEU A 174 20.96 11.53 -0.99
C LEU A 174 22.03 11.99 -1.99
N ASP A 175 21.58 12.70 -3.00
CA ASP A 175 22.46 13.17 -4.06
C ASP A 175 22.64 14.69 -4.09
N THR A 176 21.56 15.43 -3.86
CA THR A 176 21.61 16.89 -3.88
C THR A 176 20.94 17.51 -2.65
N LEU A 177 21.64 18.45 -2.03
CA LEU A 177 21.12 19.14 -0.84
C LEU A 177 21.29 20.64 -1.05
N LEU A 178 20.18 21.36 -1.10
CA LEU A 178 20.25 22.80 -1.29
C LEU A 178 19.81 23.52 -0.02
N LEU A 179 20.75 24.23 0.59
CA LEU A 179 20.50 24.95 1.83
C LEU A 179 20.92 26.42 1.76
N GLN A 180 21.22 26.89 0.55
CA GLN A 180 21.67 28.26 0.37
C GLN A 180 20.59 29.29 0.73
N GLU A 181 21.04 30.49 1.06
CA GLU A 181 20.14 31.60 1.39
C GLU A 181 19.20 31.36 2.57
N ASN A 182 19.75 30.92 3.70
CA ASN A 182 18.94 30.73 4.90
C ASN A 182 19.57 31.59 5.99
N SER A 183 19.22 31.33 7.25
CA SER A 183 19.79 32.09 8.35
C SER A 183 20.56 31.16 9.28
N LEU A 184 21.22 30.17 8.70
CA LEU A 184 21.99 29.19 9.44
C LEU A 184 23.34 29.74 9.90
N TYR A 185 23.75 29.36 11.11
CA TYR A 185 25.03 29.83 11.65
C TYR A 185 25.96 28.69 12.02
N THR A 186 25.44 27.46 12.03
CA THR A 186 26.28 26.30 12.37
C THR A 186 25.68 24.99 11.87
N ILE A 187 26.50 23.95 11.87
CA ILE A 187 26.08 22.61 11.44
C ILE A 187 26.29 21.64 12.60
N PRO A 188 25.24 20.88 12.97
CA PRO A 188 25.34 19.92 14.07
C PRO A 188 26.44 18.89 13.83
N LYS A 189 27.18 18.56 14.88
CA LYS A 189 28.25 17.57 14.78
C LYS A 189 27.69 16.29 14.16
N GLY A 190 28.36 15.77 13.14
CA GLY A 190 27.93 14.53 12.49
C GLY A 190 26.78 14.63 11.51
N PHE A 191 26.29 15.84 11.28
CA PHE A 191 25.17 16.08 10.38
C PHE A 191 25.23 15.34 9.04
N PHE A 192 26.38 15.40 8.37
CA PHE A 192 26.51 14.74 7.07
C PHE A 192 26.80 13.24 7.14
N GLY A 193 27.07 12.73 8.33
CA GLY A 193 27.36 11.31 8.48
C GLY A 193 28.46 10.89 7.52
N SER A 194 28.32 9.71 6.93
CA SER A 194 29.33 9.22 6.00
C SER A 194 28.78 9.29 4.57
N HIS A 195 27.71 10.06 4.39
CA HIS A 195 27.08 10.22 3.08
C HIS A 195 28.04 10.84 2.07
N LEU A 196 28.07 10.29 0.87
CA LEU A 196 28.90 10.85 -0.19
C LEU A 196 27.92 11.73 -0.95
N LEU A 197 27.89 13.02 -0.58
CA LEU A 197 26.98 13.99 -1.18
C LEU A 197 27.62 14.80 -2.30
N PRO A 198 27.35 14.41 -3.57
CA PRO A 198 27.87 15.04 -4.79
C PRO A 198 27.60 16.54 -4.98
N PHE A 199 26.39 16.97 -4.64
CA PHE A 199 26.04 18.38 -4.82
C PHE A 199 25.43 19.03 -3.59
N ALA A 200 26.20 19.91 -2.96
CA ALA A 200 25.75 20.62 -1.77
C ALA A 200 25.87 22.12 -1.98
N PHE A 201 24.80 22.86 -1.69
CA PHE A 201 24.80 24.31 -1.84
C PHE A 201 24.60 24.85 -0.42
N LEU A 202 25.59 25.60 0.06
CA LEU A 202 25.57 26.11 1.43
C LEU A 202 25.89 27.60 1.60
N HIS A 203 26.09 28.30 0.48
CA HIS A 203 26.40 29.72 0.51
C HIS A 203 25.20 30.56 0.93
N GLY A 204 25.42 31.84 1.19
CA GLY A 204 24.34 32.72 1.57
C GLY A 204 23.79 32.52 2.98
N ASN A 205 24.62 31.99 3.87
CA ASN A 205 24.22 31.78 5.27
C ASN A 205 25.22 32.47 6.19
N PRO A 206 24.75 33.02 7.32
CA PRO A 206 25.64 33.72 8.25
C PRO A 206 26.40 32.75 9.19
N TRP A 207 27.25 31.91 8.62
CA TRP A 207 28.00 30.94 9.41
C TRP A 207 28.82 31.61 10.51
N LEU A 208 28.67 31.11 11.74
CA LEU A 208 29.41 31.65 12.87
C LEU A 208 30.66 30.80 13.06
N CYS A 209 31.83 31.36 12.77
CA CYS A 209 33.05 30.59 12.92
C CYS A 209 33.61 30.67 14.33
N ASN A 210 33.45 29.55 15.04
CA ASN A 210 33.92 29.37 16.40
C ASN A 210 34.27 27.89 16.52
N CYS A 211 34.53 27.42 17.72
CA CYS A 211 34.91 26.02 17.89
C CYS A 211 33.82 25.06 17.40
N GLU A 212 32.57 25.47 17.46
CA GLU A 212 31.47 24.62 17.04
C GLU A 212 31.36 24.46 15.53
N ILE A 213 32.16 25.21 14.77
CA ILE A 213 32.10 25.11 13.31
C ILE A 213 33.15 24.17 12.76
N LEU A 214 34.05 23.68 13.62
CA LEU A 214 35.12 22.80 13.18
C LEU A 214 34.66 21.53 12.47
N TYR A 215 33.56 20.93 12.93
CA TYR A 215 33.04 19.74 12.26
C TYR A 215 32.76 20.10 10.81
N PHE A 216 32.10 21.23 10.62
CA PHE A 216 31.75 21.73 9.28
C PHE A 216 33.01 22.07 8.49
N ARG A 217 33.97 22.71 9.13
CA ARG A 217 35.20 23.07 8.44
C ARG A 217 35.88 21.84 7.85
N ARG A 218 36.00 20.79 8.66
CA ARG A 218 36.62 19.56 8.21
C ARG A 218 35.83 18.87 7.11
N TRP A 219 34.50 18.90 7.19
CA TRP A 219 33.67 18.27 6.15
C TRP A 219 33.89 19.03 4.83
N LEU A 220 33.97 20.35 4.92
CA LEU A 220 34.19 21.18 3.73
C LEU A 220 35.55 20.86 3.11
N GLN A 221 36.56 20.67 3.94
CA GLN A 221 37.88 20.32 3.43
C GLN A 221 37.82 19.00 2.69
N ASP A 222 37.10 18.03 3.26
CA ASP A 222 36.97 16.70 2.65
C ASP A 222 36.01 16.67 1.47
N ASN A 223 35.18 17.69 1.32
CA ASN A 223 34.20 17.72 0.25
C ASN A 223 34.22 18.97 -0.61
N ALA A 224 35.40 19.58 -0.71
CA ALA A 224 35.57 20.80 -1.47
C ALA A 224 35.02 20.72 -2.89
N GLU A 225 35.20 19.59 -3.56
CA GLU A 225 34.72 19.43 -4.93
C GLU A 225 33.21 19.17 -5.04
N ASN A 226 32.54 19.09 -3.89
CA ASN A 226 31.11 18.83 -3.89
C ASN A 226 30.27 20.04 -3.45
N VAL A 227 30.93 21.17 -3.25
CA VAL A 227 30.23 22.39 -2.82
C VAL A 227 30.09 23.34 -4.01
N TYR A 228 28.84 23.70 -4.32
CA TYR A 228 28.57 24.58 -5.46
C TYR A 228 27.79 25.84 -5.12
N VAL A 229 27.77 26.76 -6.07
CA VAL A 229 27.05 28.02 -5.93
C VAL A 229 25.88 27.95 -6.90
N TRP A 230 24.69 28.24 -6.41
CA TRP A 230 23.50 28.17 -7.25
C TRP A 230 23.40 29.27 -8.31
N LYS A 231 23.01 28.85 -9.51
CA LYS A 231 22.84 29.76 -10.64
C LYS A 231 21.58 29.37 -11.42
N GLN A 232 20.64 30.30 -11.51
CA GLN A 232 19.38 30.05 -12.22
C GLN A 232 19.66 29.65 -13.68
N GLY A 233 19.75 28.35 -13.93
CA GLY A 233 20.01 27.85 -15.26
C GLY A 233 19.99 26.33 -15.31
N VAL A 234 21.17 25.72 -15.30
CA VAL A 234 21.28 24.26 -15.34
C VAL A 234 22.42 23.79 -14.45
N MET A 239 28.01 22.35 -12.38
CA MET A 239 28.96 23.33 -12.90
C MET A 239 30.34 23.14 -12.29
N THR A 240 30.90 24.23 -11.78
CA THR A 240 32.22 24.21 -11.15
C THR A 240 32.08 24.48 -9.65
N SER A 241 32.68 23.62 -8.85
CA SER A 241 32.62 23.78 -7.40
C SER A 241 33.31 25.05 -6.94
N ASN A 242 32.96 25.49 -5.73
CA ASN A 242 33.55 26.69 -5.15
C ASN A 242 33.32 26.63 -3.64
N VAL A 243 34.15 25.84 -2.96
CA VAL A 243 34.04 25.68 -1.52
C VAL A 243 34.18 26.99 -0.76
N ALA A 244 34.93 27.94 -1.35
CA ALA A 244 35.14 29.25 -0.72
C ALA A 244 33.87 30.09 -0.66
N SER A 245 32.79 29.62 -1.27
CA SER A 245 31.53 30.34 -1.25
C SER A 245 30.88 30.28 0.13
N VAL A 246 31.31 29.30 0.93
CA VAL A 246 30.80 29.12 2.29
C VAL A 246 31.70 30.00 3.16
N GLN A 247 31.16 31.11 3.65
CA GLN A 247 31.97 32.05 4.41
C GLN A 247 31.53 32.36 5.83
N CYS A 248 32.51 32.72 6.66
CA CYS A 248 32.26 33.10 8.04
C CYS A 248 31.59 34.47 8.02
N ASP A 249 30.48 34.60 8.73
CA ASP A 249 29.81 35.90 8.77
C ASP A 249 30.60 36.86 9.66
N ASN A 250 31.15 36.33 10.74
CA ASN A 250 31.94 37.14 11.67
C ASN A 250 33.38 37.27 11.17
N SER A 251 33.51 37.85 9.97
CA SER A 251 34.80 38.05 9.35
C SER A 251 34.58 38.85 8.08
N ASP A 252 35.62 38.96 7.26
CA ASP A 252 35.53 39.68 5.99
C ASP A 252 35.53 38.66 4.87
N LYS A 253 34.43 37.92 4.76
CA LYS A 253 34.29 36.89 3.73
C LYS A 253 35.34 35.79 3.84
N PHE A 254 35.81 35.52 5.05
CA PHE A 254 36.81 34.47 5.26
C PHE A 254 36.14 33.12 5.02
N PRO A 255 36.77 32.26 4.20
CA PRO A 255 36.21 30.93 3.91
C PRO A 255 36.19 30.01 5.14
N VAL A 256 35.04 29.40 5.40
CA VAL A 256 34.92 28.50 6.55
C VAL A 256 35.91 27.34 6.46
N TYR A 257 36.12 26.80 5.26
CA TYR A 257 37.01 25.64 5.12
C TYR A 257 38.48 25.91 5.47
N LYS A 258 38.81 27.17 5.74
CA LYS A 258 40.17 27.54 6.11
C LYS A 258 40.25 28.04 7.56
N TYR A 259 39.14 27.95 8.28
CA TYR A 259 39.10 28.39 9.68
C TYR A 259 39.89 27.42 10.55
N PRO A 260 40.99 27.90 11.17
CA PRO A 260 41.85 27.09 12.04
C PRO A 260 41.21 26.57 13.32
N GLY A 261 40.53 27.46 14.06
CA GLY A 261 39.92 27.05 15.30
C GLY A 261 41.00 26.87 16.37
N LYS A 262 41.95 27.80 16.38
CA LYS A 262 43.06 27.76 17.34
C LYS A 262 42.60 27.73 18.79
N GLY A 263 43.14 26.80 19.57
CA GLY A 263 42.78 26.70 20.97
C GLY A 263 41.51 25.90 21.26
N CYS A 264 40.85 25.42 20.21
CA CYS A 264 39.62 24.66 20.38
C CYS A 264 39.82 23.22 20.80
N PRO A 265 38.92 22.70 21.66
CA PRO A 265 39.01 21.31 22.12
C PRO A 265 38.88 20.40 20.91
N THR A 266 39.68 19.34 20.85
CA THR A 266 39.65 18.42 19.72
C THR A 266 39.01 17.07 20.07
N HIS B 1 -7.94 8.72 19.10
CA HIS B 1 -7.93 9.16 17.67
C HIS B 1 -9.21 9.94 17.38
N PRO B 2 -9.13 10.96 16.52
CA PRO B 2 -10.31 11.76 16.19
C PRO B 2 -11.32 11.12 15.25
N ILE B 3 -10.91 10.04 14.57
CA ILE B 3 -11.80 9.37 13.62
C ILE B 3 -12.22 7.96 14.03
N CYS B 4 -11.26 7.15 14.48
CA CYS B 4 -11.55 5.78 14.87
C CYS B 4 -11.41 5.51 16.37
N GLU B 5 -12.01 4.43 16.82
CA GLU B 5 -11.92 4.04 18.23
C GLU B 5 -10.66 3.21 18.39
N VAL B 6 -10.02 3.31 19.56
CA VAL B 6 -8.80 2.55 19.82
C VAL B 6 -8.96 1.83 21.15
N SER B 7 -8.73 0.52 21.15
CA SER B 7 -8.85 -0.25 22.37
C SER B 7 -7.79 -1.33 22.48
N LYS B 8 -7.42 -1.67 23.71
CA LYS B 8 -6.41 -2.69 23.96
C LYS B 8 -7.15 -3.92 24.48
N VAL B 9 -7.09 -5.02 23.75
CA VAL B 9 -7.75 -6.25 24.15
C VAL B 9 -6.71 -7.36 24.11
N ALA B 10 -6.35 -7.86 25.30
CA ALA B 10 -5.32 -8.88 25.42
C ALA B 10 -4.04 -8.27 24.84
N SER B 11 -3.33 -9.01 23.98
CA SER B 11 -2.10 -8.47 23.40
C SER B 11 -2.32 -7.56 22.18
N HIS B 12 -3.56 -7.39 21.77
CA HIS B 12 -3.86 -6.57 20.58
C HIS B 12 -4.25 -5.12 20.80
N LEU B 13 -3.80 -4.25 19.89
CA LEU B 13 -4.20 -2.85 19.92
C LEU B 13 -5.16 -2.81 18.74
N GLU B 14 -6.45 -2.86 19.05
CA GLU B 14 -7.50 -2.89 18.04
C GLU B 14 -8.03 -1.51 17.67
N VAL B 15 -7.99 -1.20 16.38
CA VAL B 15 -8.45 0.09 15.89
C VAL B 15 -9.69 -0.09 15.02
N ASN B 16 -10.80 0.50 15.45
CA ASN B 16 -12.07 0.41 14.72
C ASN B 16 -12.38 1.64 13.90
N CYS B 17 -12.27 1.52 12.59
CA CYS B 17 -12.55 2.61 11.66
C CYS B 17 -13.70 2.21 10.77
N ASP B 18 -14.48 1.24 11.21
CA ASP B 18 -15.57 0.72 10.41
C ASP B 18 -16.83 1.55 10.30
N LYS B 19 -17.57 1.31 9.22
CA LYS B 19 -18.84 1.95 8.96
C LYS B 19 -18.89 3.46 9.26
N ARG B 20 -18.02 4.23 8.61
CA ARG B 20 -18.04 5.68 8.82
C ARG B 20 -17.72 6.45 7.55
N GLN B 21 -18.19 5.90 6.44
CA GLN B 21 -18.04 6.50 5.11
C GLN B 21 -16.62 6.89 4.71
N LEU B 22 -15.63 6.12 5.10
CA LEU B 22 -14.25 6.44 4.75
C LEU B 22 -13.95 6.10 3.29
N THR B 23 -13.07 6.89 2.67
CA THR B 23 -12.69 6.69 1.28
C THR B 23 -11.23 6.31 1.16
N ALA B 24 -10.55 6.23 2.30
CA ALA B 24 -9.15 5.87 2.35
C ALA B 24 -8.74 5.73 3.81
N LEU B 25 -7.49 5.31 4.02
CA LEU B 25 -6.97 5.14 5.36
C LEU B 25 -6.86 6.48 6.09
N PRO B 26 -7.36 6.54 7.34
CA PRO B 26 -7.26 7.81 8.08
C PRO B 26 -5.79 8.05 8.41
N PRO B 27 -5.38 9.32 8.49
CA PRO B 27 -3.98 9.59 8.83
C PRO B 27 -3.75 9.53 10.33
N ASP B 28 -2.49 9.44 10.72
CA ASP B 28 -2.10 9.47 12.13
C ASP B 28 -2.74 8.44 13.08
N LEU B 29 -2.81 7.18 12.67
CA LEU B 29 -3.35 6.12 13.52
C LEU B 29 -2.20 5.69 14.44
N PRO B 30 -2.51 4.95 15.53
CA PRO B 30 -1.43 4.52 16.43
C PRO B 30 -0.39 3.67 15.70
N LYS B 31 0.88 4.01 15.87
CA LYS B 31 1.94 3.27 15.22
C LYS B 31 2.00 1.79 15.59
N ASP B 32 1.53 1.46 16.79
CA ASP B 32 1.56 0.07 17.24
C ASP B 32 0.27 -0.73 16.99
N THR B 33 -0.58 -0.24 16.09
CA THR B 33 -1.82 -0.93 15.76
C THR B 33 -1.57 -2.37 15.29
N THR B 34 -2.32 -3.32 15.84
CA THR B 34 -2.17 -4.72 15.43
C THR B 34 -3.38 -5.22 14.64
N ILE B 35 -4.56 -4.66 14.92
CA ILE B 35 -5.78 -5.04 14.21
C ILE B 35 -6.49 -3.79 13.72
N LEU B 36 -6.74 -3.73 12.42
CA LEU B 36 -7.42 -2.56 11.85
C LEU B 36 -8.71 -2.96 11.13
N HIS B 37 -9.82 -2.41 11.59
CA HIS B 37 -11.13 -2.67 10.99
C HIS B 37 -11.52 -1.52 10.09
N LEU B 38 -11.52 -1.74 8.78
CA LEU B 38 -11.92 -0.71 7.82
C LEU B 38 -13.19 -1.16 7.13
N SER B 39 -13.82 -2.19 7.71
CA SER B 39 -15.05 -2.76 7.20
C SER B 39 -16.20 -1.78 7.00
N GLU B 40 -17.03 -2.08 6.00
CA GLU B 40 -18.22 -1.30 5.69
C GLU B 40 -18.03 0.17 5.30
N ASN B 41 -16.91 0.48 4.66
CA ASN B 41 -16.67 1.85 4.23
C ASN B 41 -16.87 2.01 2.73
N LEU B 42 -16.44 3.15 2.18
CA LEU B 42 -16.63 3.42 0.76
C LEU B 42 -15.28 3.59 0.08
N LEU B 43 -14.48 2.52 0.08
CA LEU B 43 -13.15 2.60 -0.51
C LEU B 43 -13.10 2.55 -2.03
N TYR B 44 -13.73 1.54 -2.63
CA TYR B 44 -13.75 1.34 -4.08
C TYR B 44 -12.38 0.90 -4.59
N THR B 45 -11.32 1.55 -4.14
CA THR B 45 -9.96 1.16 -4.49
C THR B 45 -9.17 1.42 -3.21
N PHE B 46 -8.19 0.56 -2.92
CA PHE B 46 -7.38 0.72 -1.73
C PHE B 46 -5.96 0.23 -2.00
N SER B 47 -4.98 0.94 -1.46
CA SER B 47 -3.57 0.58 -1.64
C SER B 47 -2.96 0.02 -0.36
N LEU B 48 -2.53 -1.24 -0.39
CA LEU B 48 -1.91 -1.86 0.77
C LEU B 48 -0.63 -1.13 1.18
N ALA B 49 -0.01 -0.43 0.24
CA ALA B 49 1.22 0.30 0.54
C ALA B 49 1.01 1.33 1.66
N THR B 50 -0.20 1.84 1.79
CA THR B 50 -0.48 2.86 2.81
C THR B 50 -0.42 2.32 4.24
N LEU B 51 -0.33 1.01 4.39
CA LEU B 51 -0.26 0.41 5.71
C LEU B 51 1.17 0.12 6.18
N MET B 52 2.15 0.36 5.31
CA MET B 52 3.54 0.10 5.68
C MET B 52 4.03 0.84 6.92
N PRO B 53 3.44 2.01 7.24
CA PRO B 53 3.93 2.70 8.44
C PRO B 53 3.57 1.94 9.73
N TYR B 54 2.60 1.05 9.63
CA TYR B 54 2.14 0.28 10.77
C TYR B 54 2.81 -1.10 10.80
N THR B 55 4.04 -1.08 11.31
CA THR B 55 4.90 -2.27 11.37
C THR B 55 4.43 -3.45 12.21
N ARG B 56 3.43 -3.25 13.06
CA ARG B 56 2.93 -4.34 13.90
C ARG B 56 1.58 -4.88 13.42
N LEU B 57 1.07 -4.35 12.32
CA LEU B 57 -0.22 -4.78 11.79
C LEU B 57 -0.27 -6.25 11.39
N THR B 58 -1.15 -7.01 12.04
CA THR B 58 -1.28 -8.44 11.75
C THR B 58 -2.63 -8.81 11.15
N GLN B 59 -3.65 -7.97 11.36
CA GLN B 59 -4.97 -8.27 10.82
C GLN B 59 -5.57 -7.03 10.17
N LEU B 60 -5.99 -7.17 8.92
CA LEU B 60 -6.58 -6.07 8.17
C LEU B 60 -7.93 -6.49 7.56
N ASN B 61 -8.99 -5.78 7.95
CA ASN B 61 -10.32 -6.10 7.46
C ASN B 61 -10.86 -5.01 6.53
N LEU B 62 -11.00 -5.38 5.25
CA LEU B 62 -11.50 -4.49 4.21
C LEU B 62 -12.78 -5.03 3.60
N ASP B 63 -13.49 -5.84 4.38
CA ASP B 63 -14.74 -6.45 3.91
C ASP B 63 -15.85 -5.41 3.76
N ARG B 64 -16.77 -5.68 2.83
CA ARG B 64 -17.92 -4.79 2.61
C ARG B 64 -17.51 -3.34 2.36
N CYS B 65 -16.50 -3.14 1.51
CA CYS B 65 -16.01 -1.80 1.20
C CYS B 65 -16.18 -1.33 -0.25
N GLU B 66 -17.03 -2.02 -1.01
CA GLU B 66 -17.29 -1.68 -2.42
C GLU B 66 -16.03 -1.77 -3.28
N LEU B 67 -15.02 -2.49 -2.81
CA LEU B 67 -13.74 -2.62 -3.51
C LEU B 67 -13.75 -3.30 -4.87
N THR B 68 -13.15 -2.63 -5.86
CA THR B 68 -13.03 -3.17 -7.22
C THR B 68 -11.56 -3.34 -7.57
N LYS B 69 -10.70 -2.60 -6.87
CA LYS B 69 -9.27 -2.66 -7.11
C LYS B 69 -8.45 -2.56 -5.83
N LEU B 70 -7.48 -3.45 -5.71
CA LEU B 70 -6.59 -3.45 -4.56
C LEU B 70 -5.17 -3.32 -5.11
N GLN B 71 -4.51 -2.19 -4.83
CA GLN B 71 -3.14 -2.01 -5.30
C GLN B 71 -2.25 -2.79 -4.35
N VAL B 72 -1.44 -3.68 -4.91
CA VAL B 72 -0.56 -4.50 -4.08
C VAL B 72 0.89 -4.11 -4.36
N ASP B 73 1.35 -3.09 -3.64
CA ASP B 73 2.72 -2.59 -3.75
C ASP B 73 3.26 -2.59 -2.34
N GLY B 74 4.58 -2.67 -2.22
CA GLY B 74 5.21 -2.67 -0.91
C GLY B 74 5.14 -4.02 -0.21
N THR B 75 5.31 -4.00 1.11
CA THR B 75 5.27 -5.23 1.89
C THR B 75 4.78 -4.94 3.30
N LEU B 76 3.94 -5.85 3.83
CA LEU B 76 3.41 -5.77 5.18
C LEU B 76 3.95 -7.10 5.72
N PRO B 77 5.19 -7.06 6.24
CA PRO B 77 5.95 -8.19 6.80
C PRO B 77 5.29 -9.10 7.82
N VAL B 78 4.40 -8.57 8.65
CA VAL B 78 3.78 -9.43 9.65
C VAL B 78 2.26 -9.61 9.53
N LEU B 79 1.66 -9.15 8.43
CA LEU B 79 0.21 -9.32 8.27
C LEU B 79 -0.13 -10.80 8.16
N GLY B 80 -1.01 -11.28 9.03
CA GLY B 80 -1.38 -12.69 9.01
C GLY B 80 -2.79 -12.95 8.53
N THR B 81 -3.67 -11.95 8.66
CA THR B 81 -5.05 -12.11 8.24
C THR B 81 -5.50 -10.95 7.35
N LEU B 82 -6.12 -11.29 6.22
CA LEU B 82 -6.64 -10.29 5.30
C LEU B 82 -8.05 -10.69 4.90
N ASP B 83 -9.02 -9.83 5.21
CA ASP B 83 -10.42 -10.12 4.87
C ASP B 83 -10.86 -9.17 3.76
N LEU B 84 -11.07 -9.72 2.57
CA LEU B 84 -11.52 -8.96 1.39
C LEU B 84 -12.93 -9.40 1.00
N SER B 85 -13.59 -10.15 1.88
CA SER B 85 -14.92 -10.66 1.57
C SER B 85 -15.98 -9.58 1.35
N HIS B 86 -17.00 -9.95 0.59
CA HIS B 86 -18.11 -9.04 0.30
C HIS B 86 -17.67 -7.74 -0.34
N ASN B 87 -17.04 -7.86 -1.50
CA ASN B 87 -16.59 -6.70 -2.26
C ASN B 87 -16.93 -6.91 -3.73
N GLN B 88 -16.31 -6.15 -4.62
CA GLN B 88 -16.62 -6.27 -6.04
C GLN B 88 -15.42 -6.61 -6.93
N LEU B 89 -14.47 -7.37 -6.39
CA LEU B 89 -13.27 -7.76 -7.12
C LEU B 89 -13.58 -8.73 -8.26
N GLN B 90 -13.16 -8.38 -9.47
CA GLN B 90 -13.37 -9.24 -10.63
C GLN B 90 -12.16 -10.12 -10.90
N SER B 91 -11.04 -9.80 -10.26
CA SER B 91 -9.82 -10.59 -10.42
C SER B 91 -9.12 -10.70 -9.07
N LEU B 92 -8.49 -11.84 -8.84
CA LEU B 92 -7.79 -12.08 -7.58
C LEU B 92 -6.47 -11.31 -7.49
N PRO B 93 -6.32 -10.48 -6.44
CA PRO B 93 -5.03 -9.77 -6.39
C PRO B 93 -3.90 -10.77 -6.08
N LEU B 94 -2.71 -10.51 -6.62
CA LEU B 94 -1.54 -11.36 -6.39
C LEU B 94 -0.85 -10.81 -5.14
N LEU B 95 -1.03 -11.52 -4.03
CA LEU B 95 -0.52 -11.09 -2.73
C LEU B 95 0.80 -11.67 -2.21
N GLY B 96 1.29 -12.72 -2.86
CA GLY B 96 2.52 -13.37 -2.43
C GLY B 96 3.74 -12.57 -2.04
N GLN B 97 4.12 -11.60 -2.86
CA GLN B 97 5.31 -10.80 -2.56
C GLN B 97 5.06 -9.71 -1.52
N THR B 98 3.80 -9.30 -1.38
CA THR B 98 3.45 -8.24 -0.44
C THR B 98 3.09 -8.73 0.97
N LEU B 99 2.47 -9.91 1.06
CA LEU B 99 2.06 -10.46 2.35
C LEU B 99 2.66 -11.86 2.57
N PRO B 100 3.99 -11.93 2.72
CA PRO B 100 4.69 -13.21 2.93
C PRO B 100 4.31 -14.01 4.17
N ALA B 101 3.83 -13.35 5.22
CA ALA B 101 3.47 -14.05 6.44
C ALA B 101 1.98 -14.38 6.56
N LEU B 102 1.22 -14.12 5.51
CA LEU B 102 -0.23 -14.36 5.53
C LEU B 102 -0.62 -15.80 5.86
N THR B 103 -1.56 -15.96 6.80
CA THR B 103 -2.02 -17.30 7.16
C THR B 103 -3.51 -17.48 6.85
N VAL B 104 -4.25 -16.37 6.79
CA VAL B 104 -5.67 -16.42 6.50
C VAL B 104 -6.06 -15.40 5.42
N LEU B 105 -6.66 -15.89 4.35
CA LEU B 105 -7.09 -15.03 3.24
C LEU B 105 -8.55 -15.32 2.91
N ASP B 106 -9.39 -14.29 2.98
CA ASP B 106 -10.80 -14.45 2.68
C ASP B 106 -11.19 -13.49 1.55
N VAL B 107 -11.57 -14.05 0.41
CA VAL B 107 -12.00 -13.24 -0.72
C VAL B 107 -13.36 -13.79 -1.16
N SER B 108 -14.14 -14.25 -0.18
CA SER B 108 -15.46 -14.79 -0.45
C SER B 108 -16.38 -13.67 -0.90
N PHE B 109 -17.44 -14.04 -1.61
CA PHE B 109 -18.43 -13.10 -2.09
C PHE B 109 -17.90 -11.87 -2.83
N ASN B 110 -17.19 -12.15 -3.92
CA ASN B 110 -16.67 -11.10 -4.77
C ASN B 110 -17.17 -11.47 -6.17
N ARG B 111 -16.46 -11.08 -7.21
CA ARG B 111 -16.90 -11.39 -8.57
C ARG B 111 -15.84 -12.13 -9.38
N LEU B 112 -15.10 -13.02 -8.72
CA LEU B 112 -14.06 -13.78 -9.40
C LEU B 112 -14.63 -14.80 -10.37
N THR B 113 -14.10 -14.84 -11.60
CA THR B 113 -14.56 -15.78 -12.60
C THR B 113 -13.50 -16.84 -12.91
N SER B 114 -12.29 -16.61 -12.43
CA SER B 114 -11.19 -17.55 -12.61
C SER B 114 -10.06 -17.15 -11.69
N LEU B 115 -9.06 -18.03 -11.56
CA LEU B 115 -7.90 -17.77 -10.74
C LEU B 115 -6.68 -17.89 -11.66
N PRO B 116 -5.72 -16.96 -11.54
CA PRO B 116 -4.54 -17.04 -12.42
C PRO B 116 -3.58 -18.16 -12.07
N LEU B 117 -2.75 -18.52 -13.04
CA LEU B 117 -1.72 -19.54 -12.84
C LEU B 117 -0.81 -18.96 -11.78
N GLY B 118 -0.41 -19.77 -10.80
CA GLY B 118 0.48 -19.30 -9.75
C GLY B 118 -0.13 -18.23 -8.85
N ALA B 119 -1.45 -18.23 -8.74
CA ALA B 119 -2.17 -17.25 -7.93
C ALA B 119 -1.72 -17.15 -6.47
N LEU B 120 -1.33 -18.27 -5.86
CA LEU B 120 -0.93 -18.27 -4.47
C LEU B 120 0.58 -18.34 -4.22
N ARG B 121 1.38 -18.13 -5.26
CA ARG B 121 2.82 -18.18 -5.12
C ARG B 121 3.29 -17.19 -4.06
N GLY B 122 4.22 -17.61 -3.21
CA GLY B 122 4.73 -16.74 -2.16
C GLY B 122 3.96 -16.79 -0.86
N LEU B 123 2.79 -17.43 -0.85
CA LEU B 123 1.99 -17.52 0.38
C LEU B 123 2.23 -18.84 1.12
N GLY B 124 3.50 -19.16 1.35
CA GLY B 124 3.88 -20.40 2.02
C GLY B 124 3.35 -20.66 3.42
N GLU B 125 2.93 -19.62 4.14
CA GLU B 125 2.40 -19.79 5.49
C GLU B 125 0.89 -19.89 5.53
N LEU B 126 0.24 -19.82 4.37
CA LEU B 126 -1.22 -19.85 4.32
C LEU B 126 -1.82 -21.11 4.96
N GLN B 127 -2.77 -20.90 5.86
CA GLN B 127 -3.44 -22.00 6.54
C GLN B 127 -4.93 -22.05 6.21
N GLU B 128 -5.51 -20.90 5.87
CA GLU B 128 -6.93 -20.85 5.53
C GLU B 128 -7.19 -20.00 4.28
N LEU B 129 -8.00 -20.52 3.37
CA LEU B 129 -8.34 -19.82 2.13
C LEU B 129 -9.83 -19.94 1.86
N TYR B 130 -10.52 -18.81 1.83
CA TYR B 130 -11.96 -18.81 1.58
C TYR B 130 -12.27 -18.09 0.27
N LEU B 131 -12.97 -18.79 -0.62
CA LEU B 131 -13.33 -18.24 -1.92
C LEU B 131 -14.81 -18.50 -2.23
N LYS B 132 -15.58 -18.70 -1.17
CA LYS B 132 -17.01 -18.98 -1.28
C LYS B 132 -17.76 -17.86 -1.99
N GLY B 133 -18.83 -18.23 -2.69
CA GLY B 133 -19.66 -17.24 -3.36
C GLY B 133 -19.08 -16.42 -4.50
N ASN B 134 -18.25 -17.04 -5.32
CA ASN B 134 -17.70 -16.34 -6.47
C ASN B 134 -18.26 -17.03 -7.70
N GLU B 135 -17.62 -16.87 -8.85
CA GLU B 135 -18.11 -17.48 -10.07
C GLU B 135 -17.12 -18.41 -10.76
N LEU B 136 -16.31 -19.09 -9.96
CA LEU B 136 -15.30 -20.01 -10.50
C LEU B 136 -15.94 -21.25 -11.13
N LYS B 137 -15.44 -21.64 -12.30
CA LYS B 137 -15.94 -22.79 -13.03
C LYS B 137 -14.92 -23.93 -12.99
N THR B 138 -13.64 -23.57 -13.06
CA THR B 138 -12.56 -24.56 -12.98
C THR B 138 -11.42 -23.93 -12.20
N LEU B 139 -10.43 -24.73 -11.85
CA LEU B 139 -9.30 -24.25 -11.06
C LEU B 139 -7.98 -24.51 -11.74
N PRO B 140 -7.01 -23.60 -11.55
CA PRO B 140 -5.70 -23.78 -12.17
C PRO B 140 -5.00 -24.98 -11.55
N PRO B 141 -4.32 -25.78 -12.37
CA PRO B 141 -3.65 -26.92 -11.75
C PRO B 141 -2.48 -26.36 -10.95
N GLY B 142 -2.18 -26.99 -9.82
CA GLY B 142 -1.07 -26.52 -8.99
C GLY B 142 -1.46 -25.33 -8.12
N LEU B 143 -2.75 -25.05 -8.04
CA LEU B 143 -3.22 -23.92 -7.24
C LEU B 143 -2.69 -23.94 -5.80
N LEU B 144 -2.72 -25.10 -5.16
CA LEU B 144 -2.28 -25.21 -3.78
C LEU B 144 -0.83 -25.68 -3.58
N THR B 145 -0.08 -25.79 -4.67
CA THR B 145 1.32 -26.20 -4.56
C THR B 145 2.12 -25.26 -3.67
N PRO B 146 1.88 -23.94 -3.76
CA PRO B 146 2.63 -22.99 -2.92
C PRO B 146 2.16 -22.92 -1.47
N THR B 147 1.07 -23.62 -1.15
CA THR B 147 0.52 -23.56 0.21
C THR B 147 0.36 -24.92 0.87
N PRO B 148 1.48 -25.62 1.14
CA PRO B 148 1.43 -26.95 1.77
C PRO B 148 0.86 -26.99 3.20
N LYS B 149 0.85 -25.86 3.89
CA LYS B 149 0.33 -25.82 5.25
C LYS B 149 -1.17 -25.54 5.32
N LEU B 150 -1.84 -25.50 4.18
CA LEU B 150 -3.28 -25.21 4.15
C LEU B 150 -4.09 -26.21 4.97
N GLU B 151 -4.90 -25.68 5.88
CA GLU B 151 -5.74 -26.49 6.75
C GLU B 151 -7.22 -26.42 6.38
N LYS B 152 -7.67 -25.25 5.94
CA LYS B 152 -9.06 -25.07 5.55
C LYS B 152 -9.17 -24.44 4.16
N LEU B 153 -10.03 -25.02 3.33
CA LEU B 153 -10.26 -24.54 1.98
C LEU B 153 -11.75 -24.46 1.67
N SER B 154 -12.23 -23.28 1.30
CA SER B 154 -13.63 -23.14 0.96
C SER B 154 -13.81 -22.66 -0.46
N LEU B 155 -14.50 -23.48 -1.25
CA LEU B 155 -14.80 -23.18 -2.64
C LEU B 155 -16.31 -23.30 -2.81
N ALA B 156 -17.03 -23.24 -1.69
CA ALA B 156 -18.48 -23.37 -1.70
C ALA B 156 -19.16 -22.28 -2.52
N ASN B 157 -20.36 -22.60 -2.98
CA ASN B 157 -21.17 -21.68 -3.75
C ASN B 157 -20.52 -20.97 -4.93
N ASN B 158 -19.85 -21.75 -5.78
CA ASN B 158 -19.25 -21.21 -7.00
C ASN B 158 -19.97 -21.97 -8.10
N GLN B 159 -19.36 -22.12 -9.27
CA GLN B 159 -20.00 -22.85 -10.36
C GLN B 159 -19.04 -23.90 -10.92
N LEU B 160 -18.25 -24.48 -10.01
CA LEU B 160 -17.26 -25.49 -10.39
C LEU B 160 -17.89 -26.72 -11.02
N THR B 161 -17.37 -27.10 -12.19
CA THR B 161 -17.89 -28.27 -12.90
C THR B 161 -16.95 -29.46 -12.76
N GLU B 162 -15.71 -29.20 -12.36
CA GLU B 162 -14.74 -30.26 -12.14
C GLU B 162 -13.58 -29.80 -11.27
N LEU B 163 -12.89 -30.76 -10.65
CA LEU B 163 -11.77 -30.45 -9.79
C LEU B 163 -10.53 -31.18 -10.29
N PRO B 164 -9.36 -30.52 -10.21
CA PRO B 164 -8.10 -31.13 -10.66
C PRO B 164 -7.82 -32.36 -9.80
N ALA B 165 -7.49 -33.48 -10.43
CA ALA B 165 -7.23 -34.72 -9.68
C ALA B 165 -6.20 -34.55 -8.56
N GLY B 166 -5.15 -33.78 -8.82
CA GLY B 166 -4.12 -33.58 -7.80
C GLY B 166 -4.19 -32.28 -7.02
N LEU B 167 -5.38 -31.69 -6.96
CA LEU B 167 -5.58 -30.43 -6.24
C LEU B 167 -5.09 -30.44 -4.79
N LEU B 168 -5.28 -31.55 -4.09
CA LEU B 168 -4.90 -31.66 -2.68
C LEU B 168 -3.50 -32.22 -2.42
N ASN B 169 -2.72 -32.42 -3.48
CA ASN B 169 -1.36 -32.93 -3.34
C ASN B 169 -0.49 -31.97 -2.54
N GLY B 170 0.40 -32.51 -1.73
CA GLY B 170 1.29 -31.69 -0.95
C GLY B 170 0.72 -31.20 0.37
N LEU B 171 -0.58 -31.39 0.59
CA LEU B 171 -1.19 -30.98 1.84
C LEU B 171 -1.12 -32.14 2.83
N GLU B 172 -0.73 -31.87 4.07
CA GLU B 172 -0.65 -32.93 5.05
C GLU B 172 -1.42 -32.57 6.31
N ASN B 173 -2.01 -31.38 6.30
CA ASN B 173 -2.78 -30.90 7.44
C ASN B 173 -4.18 -30.44 7.05
N LEU B 174 -4.68 -30.92 5.91
CA LEU B 174 -6.01 -30.51 5.46
C LEU B 174 -7.08 -30.97 6.45
N ASP B 175 -7.76 -30.00 7.03
CA ASP B 175 -8.78 -30.25 8.03
C ASP B 175 -10.22 -30.07 7.55
N THR B 176 -10.48 -28.97 6.86
CA THR B 176 -11.83 -28.67 6.38
C THR B 176 -11.86 -28.35 4.88
N LEU B 177 -12.79 -28.97 4.17
CA LEU B 177 -12.95 -28.75 2.74
C LEU B 177 -14.43 -28.48 2.44
N LEU B 178 -14.74 -27.27 1.99
CA LEU B 178 -16.11 -26.89 1.67
C LEU B 178 -16.30 -26.77 0.17
N LEU B 179 -17.08 -27.70 -0.40
CA LEU B 179 -17.34 -27.73 -1.83
C LEU B 179 -18.83 -27.76 -2.15
N GLN B 180 -19.66 -27.44 -1.16
CA GLN B 180 -21.10 -27.47 -1.37
C GLN B 180 -21.59 -26.39 -2.33
N GLU B 181 -22.77 -26.65 -2.90
CA GLU B 181 -23.42 -25.72 -3.81
C GLU B 181 -22.61 -25.33 -5.04
N ASN B 182 -22.10 -26.33 -5.75
CA ASN B 182 -21.36 -26.11 -6.97
C ASN B 182 -22.06 -26.93 -8.06
N SER B 183 -21.39 -27.17 -9.18
CA SER B 183 -21.97 -27.95 -10.27
C SER B 183 -21.14 -29.20 -10.54
N LEU B 184 -20.59 -29.76 -9.48
CA LEU B 184 -19.75 -30.96 -9.59
C LEU B 184 -20.58 -32.20 -9.84
N TYR B 185 -20.09 -33.08 -10.72
CA TYR B 185 -20.82 -34.30 -11.01
C TYR B 185 -20.00 -35.57 -10.74
N THR B 186 -18.71 -35.41 -10.48
CA THR B 186 -17.85 -36.56 -10.19
C THR B 186 -16.58 -36.15 -9.44
N ILE B 187 -15.92 -37.14 -8.85
CA ILE B 187 -14.67 -36.90 -8.13
C ILE B 187 -13.59 -37.74 -8.80
N PRO B 188 -12.46 -37.12 -9.17
CA PRO B 188 -11.38 -37.87 -9.82
C PRO B 188 -10.81 -38.96 -8.92
N LYS B 189 -10.46 -40.09 -9.52
CA LYS B 189 -9.88 -41.21 -8.78
C LYS B 189 -8.70 -40.71 -7.94
N GLY B 190 -8.71 -41.06 -6.65
CA GLY B 190 -7.63 -40.67 -5.77
C GLY B 190 -7.59 -39.23 -5.29
N PHE B 191 -8.63 -38.46 -5.60
CA PHE B 191 -8.70 -37.05 -5.22
C PHE B 191 -8.41 -36.76 -3.76
N PHE B 192 -8.99 -37.57 -2.87
CA PHE B 192 -8.81 -37.36 -1.43
C PHE B 192 -7.53 -37.97 -0.84
N GLY B 193 -6.82 -38.75 -1.66
CA GLY B 193 -5.60 -39.38 -1.20
C GLY B 193 -5.76 -40.02 0.16
N SER B 194 -4.84 -39.72 1.08
CA SER B 194 -4.90 -40.26 2.42
C SER B 194 -5.14 -39.16 3.45
N HIS B 195 -5.68 -38.04 2.98
CA HIS B 195 -5.97 -36.90 3.86
C HIS B 195 -6.97 -37.34 4.93
N LEU B 196 -6.80 -36.85 6.15
CA LEU B 196 -7.72 -37.19 7.23
C LEU B 196 -9.06 -36.55 6.93
N LEU B 197 -9.01 -35.27 6.60
CA LEU B 197 -10.20 -34.49 6.26
C LEU B 197 -11.39 -34.79 7.16
N PRO B 198 -11.33 -34.35 8.42
CA PRO B 198 -12.41 -34.59 9.38
C PRO B 198 -13.71 -33.82 9.06
N PHE B 199 -13.61 -32.77 8.27
CA PHE B 199 -14.79 -31.98 7.94
C PHE B 199 -14.93 -31.68 6.44
N ALA B 200 -15.86 -32.37 5.80
CA ALA B 200 -16.11 -32.20 4.38
C ALA B 200 -17.58 -31.86 4.10
N PHE B 201 -17.79 -30.87 3.24
CA PHE B 201 -19.14 -30.45 2.85
C PHE B 201 -19.21 -30.65 1.34
N LEU B 202 -20.07 -31.58 0.92
CA LEU B 202 -20.18 -31.93 -0.50
C LEU B 202 -21.60 -31.90 -1.06
N HIS B 203 -22.56 -31.52 -0.23
CA HIS B 203 -23.96 -31.47 -0.65
C HIS B 203 -24.22 -30.34 -1.64
N GLY B 204 -25.42 -30.34 -2.22
CA GLY B 204 -25.77 -29.30 -3.17
C GLY B 204 -25.05 -29.39 -4.51
N ASN B 205 -24.63 -30.59 -4.90
CA ASN B 205 -23.96 -30.78 -6.19
C ASN B 205 -24.71 -31.85 -6.97
N PRO B 206 -24.77 -31.71 -8.31
CA PRO B 206 -25.46 -32.67 -9.18
C PRO B 206 -24.62 -33.91 -9.48
N TRP B 207 -24.31 -34.68 -8.44
CA TRP B 207 -23.49 -35.87 -8.62
C TRP B 207 -24.10 -36.84 -9.63
N LEU B 208 -23.27 -37.31 -10.55
CA LEU B 208 -23.70 -38.25 -11.57
C LEU B 208 -23.33 -39.65 -11.10
N CYS B 209 -24.34 -40.43 -10.71
CA CYS B 209 -24.07 -41.76 -10.24
C CYS B 209 -23.99 -42.80 -11.35
N ASN B 210 -22.77 -42.99 -11.83
CA ASN B 210 -22.47 -43.98 -12.86
C ASN B 210 -21.22 -44.70 -12.38
N CYS B 211 -20.60 -45.48 -13.25
CA CYS B 211 -19.42 -46.23 -12.83
C CYS B 211 -18.23 -45.37 -12.43
N GLU B 212 -18.25 -44.09 -12.83
CA GLU B 212 -17.16 -43.17 -12.51
C GLU B 212 -17.31 -42.56 -11.12
N ILE B 213 -18.41 -42.86 -10.43
CA ILE B 213 -18.62 -42.30 -9.08
C ILE B 213 -18.21 -43.29 -8.00
N LEU B 214 -17.83 -44.50 -8.40
CA LEU B 214 -17.45 -45.53 -7.44
C LEU B 214 -16.31 -45.15 -6.48
N TYR B 215 -15.31 -44.42 -6.95
CA TYR B 215 -14.23 -44.01 -6.06
C TYR B 215 -14.82 -43.15 -4.94
N PHE B 216 -15.65 -42.19 -5.33
CA PHE B 216 -16.30 -41.29 -4.37
C PHE B 216 -17.22 -42.08 -3.44
N ARG B 217 -17.98 -43.04 -4.00
CA ARG B 217 -18.88 -43.84 -3.18
C ARG B 217 -18.12 -44.51 -2.04
N ARG B 218 -17.03 -45.18 -2.39
CA ARG B 218 -16.23 -45.86 -1.37
C ARG B 218 -15.67 -44.87 -0.35
N TRP B 219 -15.20 -43.72 -0.81
CA TRP B 219 -14.65 -42.72 0.10
C TRP B 219 -15.72 -42.27 1.10
N LEU B 220 -16.94 -42.07 0.61
CA LEU B 220 -18.05 -41.64 1.44
C LEU B 220 -18.41 -42.68 2.50
N GLN B 221 -18.43 -43.95 2.10
CA GLN B 221 -18.75 -45.02 3.05
C GLN B 221 -17.67 -45.12 4.11
N ASP B 222 -16.41 -44.99 3.71
CA ASP B 222 -15.29 -45.07 4.66
C ASP B 222 -15.16 -43.84 5.54
N ASN B 223 -15.70 -42.71 5.07
CA ASN B 223 -15.60 -41.46 5.81
C ASN B 223 -16.96 -40.81 6.09
N ALA B 224 -17.98 -41.64 6.27
CA ALA B 224 -19.33 -41.14 6.53
C ALA B 224 -19.41 -40.19 7.72
N GLU B 225 -18.56 -40.39 8.72
CA GLU B 225 -18.56 -39.56 9.91
C GLU B 225 -17.92 -38.18 9.72
N ASN B 226 -17.33 -37.96 8.55
CA ASN B 226 -16.65 -36.70 8.27
C ASN B 226 -17.39 -35.82 7.25
N VAL B 227 -18.60 -36.21 6.89
CA VAL B 227 -19.39 -35.46 5.91
C VAL B 227 -20.52 -34.68 6.61
N TYR B 228 -20.56 -33.38 6.38
CA TYR B 228 -21.56 -32.53 7.01
C TYR B 228 -22.33 -31.62 6.06
N VAL B 229 -23.39 -31.02 6.58
CA VAL B 229 -24.22 -30.08 5.83
C VAL B 229 -23.99 -28.71 6.45
N TRP B 230 -23.72 -27.71 5.62
CA TRP B 230 -23.46 -26.36 6.09
C TRP B 230 -24.68 -25.66 6.69
N LYS B 231 -24.45 -24.96 7.79
CA LYS B 231 -25.51 -24.21 8.48
C LYS B 231 -24.88 -22.97 9.12
N GLN B 232 -25.29 -21.79 8.68
CA GLN B 232 -24.75 -20.54 9.22
C GLN B 232 -24.88 -20.43 10.73
N GLY B 233 -23.80 -20.00 11.38
CA GLY B 233 -23.81 -19.83 12.83
C GLY B 233 -23.59 -21.09 13.64
N VAL B 234 -23.57 -22.25 12.98
CA VAL B 234 -23.37 -23.51 13.68
C VAL B 234 -21.97 -24.06 13.47
N ASP B 235 -21.18 -24.06 14.54
CA ASP B 235 -19.81 -24.57 14.50
C ASP B 235 -19.85 -26.04 14.09
N VAL B 236 -18.98 -26.42 13.16
CA VAL B 236 -18.91 -27.79 12.64
C VAL B 236 -18.73 -28.86 13.72
N LYS B 237 -18.42 -28.44 14.94
CA LYS B 237 -18.24 -29.37 16.04
C LYS B 237 -19.48 -29.39 16.92
N ALA B 238 -20.53 -28.72 16.46
CA ALA B 238 -21.78 -28.64 17.20
C ALA B 238 -22.87 -29.50 16.57
N MET B 239 -22.50 -30.30 15.57
CA MET B 239 -23.49 -31.17 14.92
C MET B 239 -22.94 -32.54 14.57
N THR B 240 -23.82 -33.38 14.05
CA THR B 240 -23.48 -34.73 13.66
C THR B 240 -23.37 -34.81 12.14
N SER B 241 -22.64 -35.81 11.66
CA SER B 241 -22.43 -35.99 10.23
C SER B 241 -23.73 -36.38 9.54
N ASN B 242 -23.75 -36.22 8.22
CA ASN B 242 -24.92 -36.57 7.41
C ASN B 242 -24.42 -36.92 6.00
N VAL B 243 -23.81 -38.09 5.88
CA VAL B 243 -23.26 -38.54 4.60
C VAL B 243 -24.33 -38.59 3.50
N ALA B 244 -25.57 -38.87 3.90
CA ALA B 244 -26.67 -38.97 2.95
C ALA B 244 -26.97 -37.66 2.23
N SER B 245 -26.38 -36.56 2.70
CA SER B 245 -26.59 -35.25 2.07
C SER B 245 -25.99 -35.19 0.67
N VAL B 246 -25.05 -36.09 0.39
CA VAL B 246 -24.41 -36.15 -0.93
C VAL B 246 -25.35 -37.02 -1.77
N GLN B 247 -26.08 -36.38 -2.69
CA GLN B 247 -27.08 -37.06 -3.49
C GLN B 247 -26.88 -37.12 -4.99
N CYS B 248 -27.31 -38.23 -5.59
CA CYS B 248 -27.22 -38.42 -7.03
C CYS B 248 -28.19 -37.42 -7.66
N ASP B 249 -27.74 -36.75 -8.72
CA ASP B 249 -28.58 -35.76 -9.41
C ASP B 249 -29.76 -36.39 -10.13
N ASN B 250 -29.50 -37.48 -10.83
CA ASN B 250 -30.53 -38.17 -11.59
C ASN B 250 -31.67 -38.75 -10.77
N SER B 251 -31.69 -40.08 -10.69
CA SER B 251 -32.74 -40.81 -10.00
C SER B 251 -32.99 -40.57 -8.51
N ASP B 252 -34.26 -40.68 -8.17
CA ASP B 252 -34.80 -40.55 -6.81
C ASP B 252 -34.05 -39.82 -5.70
N LYS B 253 -33.25 -38.82 -6.01
CA LYS B 253 -32.53 -38.09 -4.96
C LYS B 253 -31.75 -39.11 -4.12
N PHE B 254 -31.39 -40.22 -4.78
CA PHE B 254 -30.64 -41.34 -4.21
C PHE B 254 -29.32 -40.93 -3.56
N PRO B 255 -29.05 -41.37 -2.32
CA PRO B 255 -27.79 -41.00 -1.66
C PRO B 255 -26.63 -41.71 -2.37
N VAL B 256 -25.57 -40.96 -2.69
CA VAL B 256 -24.41 -41.55 -3.37
C VAL B 256 -23.78 -42.73 -2.63
N TYR B 257 -23.68 -42.65 -1.31
CA TYR B 257 -23.05 -43.73 -0.56
C TYR B 257 -23.84 -45.04 -0.60
N LYS B 258 -25.04 -44.98 -1.18
CA LYS B 258 -25.86 -46.18 -1.31
C LYS B 258 -26.08 -46.59 -2.76
N TYR B 259 -25.43 -45.89 -3.69
CA TYR B 259 -25.55 -46.22 -5.11
C TYR B 259 -24.96 -47.62 -5.31
N PRO B 260 -25.76 -48.55 -5.85
CA PRO B 260 -25.34 -49.93 -6.10
C PRO B 260 -24.23 -50.12 -7.14
N GLY B 261 -24.31 -49.37 -8.23
CA GLY B 261 -23.31 -49.50 -9.27
C GLY B 261 -23.39 -50.86 -9.96
N LYS B 262 -24.60 -51.39 -10.06
CA LYS B 262 -24.80 -52.69 -10.69
C LYS B 262 -24.37 -52.65 -12.16
N GLY B 263 -23.58 -53.63 -12.56
CA GLY B 263 -23.12 -53.69 -13.94
C GLY B 263 -21.80 -52.98 -14.18
N CYS B 264 -21.25 -52.35 -13.14
CA CYS B 264 -19.99 -51.65 -13.27
C CYS B 264 -18.80 -52.58 -13.10
N PRO B 265 -17.78 -52.43 -13.96
CA PRO B 265 -16.55 -53.23 -13.95
C PRO B 265 -15.76 -53.14 -12.65
N THR B 266 -14.92 -54.15 -12.41
CA THR B 266 -14.08 -54.22 -11.22
C THR B 266 -14.88 -54.18 -9.92
#